data_5OWG
#
_entry.id   5OWG
#
_cell.length_a   78.710
_cell.length_b   78.710
_cell.length_c   68.870
_cell.angle_alpha   90.00
_cell.angle_beta   90.00
_cell.angle_gamma   120.00
#
_symmetry.space_group_name_H-M   'P 32 2 1'
#
loop_
_entity.id
_entity.type
_entity.pdbx_description
1 polymer PcyX_EBK42635
2 water water
#
_entity_poly.entity_id   1
_entity_poly.type   'polypeptide(L)'
_entity_poly.pdbx_seq_one_letter_code
;GPLGSPEFMIWERLIKWKDETIEVLNNNLVEYNEPGMERFNNEKLGWVNRTWNNRYIRRAHLDVVDVRESKGLWMAHLCL
FPMLTNGGPIYGFDIIAGEKKVTGAFHDFSPLLQKDHPLTKWFIEENKWFKPSKERELPEWAKAIFSGGMIAAGNVREED
ELNKICTMAVSNLNNYIDKIRNHEGEAEMADVIKAQNYYSEHQQKNPHTPRVMQSLGLPEEDIKLFCSDNLFPFVSENQP
YLK
;
_entity_poly.pdbx_strand_id   A
#
# COMPACT_ATOMS: atom_id res chain seq x y z
N ARG A 13 -4.26 15.73 9.73
CA ARG A 13 -3.48 14.62 10.26
C ARG A 13 -3.27 13.55 9.19
N LEU A 14 -4.30 13.33 8.38
CA LEU A 14 -4.17 12.39 7.26
C LEU A 14 -3.15 12.89 6.25
N ILE A 15 -3.13 14.21 6.00
CA ILE A 15 -2.16 14.77 5.07
C ILE A 15 -0.77 14.73 5.69
N LYS A 16 -0.68 14.96 7.01
CA LYS A 16 0.60 14.83 7.69
C LYS A 16 1.13 13.40 7.57
N TRP A 17 0.31 12.42 7.95
CA TRP A 17 0.71 11.03 7.81
C TRP A 17 1.15 10.71 6.38
N LYS A 18 0.59 11.41 5.39
CA LYS A 18 0.95 11.15 4.00
C LYS A 18 2.33 11.70 3.68
N ASP A 19 2.63 12.92 4.13
CA ASP A 19 3.95 13.50 3.87
C ASP A 19 5.02 12.76 4.65
N GLU A 20 4.74 12.38 5.89
CA GLU A 20 5.68 11.57 6.65
C GLU A 20 5.90 10.22 5.96
N THR A 21 4.83 9.65 5.40
CA THR A 21 4.95 8.39 4.67
C THR A 21 5.84 8.55 3.44
N ILE A 22 5.66 9.63 2.69
CA ILE A 22 6.45 9.83 1.47
C ILE A 22 7.90 10.08 1.81
N GLU A 23 8.16 10.77 2.92
CA GLU A 23 9.55 11.01 3.33
C GLU A 23 10.27 9.71 3.63
N VAL A 24 9.61 8.79 4.32
CA VAL A 24 10.23 7.50 4.63
C VAL A 24 10.55 6.75 3.35
N LEU A 25 9.59 6.69 2.42
CA LEU A 25 9.80 5.93 1.19
C LEU A 25 10.93 6.54 0.36
N ASN A 26 11.03 7.87 0.35
CA ASN A 26 12.11 8.52 -0.40
C ASN A 26 13.47 8.26 0.23
N ASN A 27 13.51 8.04 1.55
CA ASN A 27 14.78 7.87 2.26
C ASN A 27 15.32 6.45 2.21
N ASN A 28 14.51 5.47 1.81
CA ASN A 28 14.92 4.07 1.80
C ASN A 28 14.79 3.41 0.44
N LEU A 29 13.74 3.74 -0.31
CA LEU A 29 13.47 3.14 -1.61
C LEU A 29 13.75 4.15 -2.71
N VAL A 30 13.53 3.74 -3.95
CA VAL A 30 13.64 4.60 -5.11
C VAL A 30 12.32 4.54 -5.87
N GLU A 31 11.81 5.71 -6.24
CA GLU A 31 10.56 5.79 -6.99
C GLU A 31 10.79 5.42 -8.44
N TYR A 32 9.79 4.77 -9.04
CA TYR A 32 9.84 4.36 -10.43
C TYR A 32 8.45 4.51 -11.04
N ASN A 33 8.40 4.55 -12.36
CA ASN A 33 7.14 4.69 -13.09
C ASN A 33 6.69 3.30 -13.52
N GLU A 34 5.68 2.77 -12.85
CA GLU A 34 5.18 1.43 -13.17
C GLU A 34 4.34 1.49 -14.44
N PRO A 35 4.55 0.59 -15.40
CA PRO A 35 3.74 0.61 -16.63
C PRO A 35 2.25 0.57 -16.33
N GLY A 36 1.51 1.47 -16.96
CA GLY A 36 0.07 1.54 -16.82
C GLY A 36 -0.42 2.54 -15.80
N MET A 37 0.41 2.87 -14.80
CA MET A 37 -0.03 3.74 -13.72
C MET A 37 -0.28 5.18 -14.18
N GLU A 38 0.33 5.60 -15.29
CA GLU A 38 0.10 6.95 -15.78
C GLU A 38 -1.38 7.21 -16.04
N ARG A 39 -2.17 6.15 -16.22
CA ARG A 39 -3.61 6.29 -16.42
C ARG A 39 -4.35 6.63 -15.14
N PHE A 40 -3.67 6.66 -13.99
CA PHE A 40 -4.33 6.84 -12.70
C PHE A 40 -3.67 7.93 -11.87
N ASN A 41 -2.91 8.83 -12.49
CA ASN A 41 -2.45 10.07 -11.86
C ASN A 41 -3.17 11.21 -12.58
N ASN A 42 -4.39 11.51 -12.13
CA ASN A 42 -5.27 12.48 -12.77
C ASN A 42 -5.53 13.60 -11.77
N GLU A 43 -5.02 14.80 -12.07
CA GLU A 43 -5.16 15.92 -11.15
C GLU A 43 -6.62 16.30 -10.93
N LYS A 44 -7.47 16.11 -11.94
CA LYS A 44 -8.86 16.53 -11.81
C LYS A 44 -9.64 15.63 -10.87
N LEU A 45 -9.30 14.35 -10.81
CA LEU A 45 -9.93 13.41 -9.90
C LEU A 45 -9.21 13.31 -8.56
N GLY A 46 -8.23 14.18 -8.32
CA GLY A 46 -7.44 14.07 -7.10
C GLY A 46 -6.84 12.70 -6.90
N TRP A 47 -6.44 12.05 -7.98
CA TRP A 47 -5.89 10.70 -7.95
C TRP A 47 -4.39 10.77 -8.11
N VAL A 48 -3.64 10.29 -7.11
CA VAL A 48 -2.19 10.20 -7.18
C VAL A 48 -1.80 8.77 -6.87
N ASN A 49 -0.95 8.19 -7.71
CA ASN A 49 -0.47 6.83 -7.53
C ASN A 49 1.03 6.82 -7.77
N ARG A 50 1.79 6.35 -6.78
CA ARG A 50 3.24 6.40 -6.81
C ARG A 50 3.79 5.08 -6.31
N THR A 51 4.88 4.60 -6.93
CA THR A 51 5.45 3.32 -6.59
C THR A 51 6.96 3.45 -6.37
N TRP A 52 7.46 2.75 -5.35
CA TRP A 52 8.88 2.67 -5.07
C TRP A 52 9.29 1.20 -5.01
N ASN A 53 10.59 0.96 -5.08
CA ASN A 53 11.13 -0.37 -4.81
C ASN A 53 12.61 -0.24 -4.48
N ASN A 54 13.15 -1.30 -3.87
CA ASN A 54 14.59 -1.44 -3.71
C ASN A 54 14.93 -2.92 -3.79
N ARG A 55 16.20 -3.24 -3.54
CA ARG A 55 16.67 -4.62 -3.63
C ARG A 55 15.76 -5.56 -2.85
N TYR A 56 15.28 -5.12 -1.69
CA TYR A 56 14.57 -6.01 -0.78
C TYR A 56 13.06 -5.94 -0.92
N ILE A 57 12.52 -4.87 -1.50
CA ILE A 57 11.09 -4.67 -1.63
C ILE A 57 10.79 -4.46 -3.10
N ARG A 58 10.17 -5.45 -3.75
CA ARG A 58 9.91 -5.34 -5.18
C ARG A 58 8.89 -4.26 -5.51
N ARG A 59 7.93 -4.01 -4.62
CA ARG A 59 6.89 -3.04 -4.91
C ARG A 59 6.39 -2.38 -3.64
N ALA A 60 6.36 -1.05 -3.66
CA ALA A 60 5.75 -0.23 -2.60
C ALA A 60 4.88 0.80 -3.29
N HIS A 61 3.58 0.80 -2.99
CA HIS A 61 2.59 1.52 -3.79
C HIS A 61 1.78 2.43 -2.89
N LEU A 62 1.77 3.73 -3.20
CA LEU A 62 1.00 4.72 -2.47
C LEU A 62 -0.13 5.21 -3.37
N ASP A 63 -1.37 4.95 -2.97
CA ASP A 63 -2.55 5.36 -3.71
C ASP A 63 -3.34 6.32 -2.85
N VAL A 64 -3.46 7.58 -3.30
CA VAL A 64 -4.12 8.64 -2.56
C VAL A 64 -5.19 9.27 -3.45
N VAL A 65 -6.41 9.38 -2.91
CA VAL A 65 -7.51 10.04 -3.58
C VAL A 65 -7.90 11.25 -2.73
N ASP A 66 -7.60 12.45 -3.23
CA ASP A 66 -7.90 13.69 -2.53
C ASP A 66 -9.08 14.35 -3.23
N VAL A 67 -10.29 14.06 -2.75
CA VAL A 67 -11.51 14.61 -3.32
C VAL A 67 -12.37 15.24 -2.24
N ARG A 68 -11.93 16.39 -1.72
CA ARG A 68 -12.66 17.10 -0.68
C ARG A 68 -13.38 18.31 -1.28
N GLU A 69 -14.24 18.01 -2.26
CA GLU A 69 -15.04 19.02 -2.93
C GLU A 69 -16.20 18.37 -3.69
N GLY A 72 -17.29 14.79 -0.55
CA GLY A 72 -16.03 15.30 -0.03
C GLY A 72 -15.29 14.30 0.82
N LEU A 73 -14.50 13.43 0.19
CA LEU A 73 -13.80 12.36 0.87
C LEU A 73 -12.29 12.45 0.63
N TRP A 74 -11.58 11.52 1.26
CA TRP A 74 -10.12 11.49 1.23
C TRP A 74 -9.71 10.10 1.70
N MET A 75 -9.00 9.36 0.86
CA MET A 75 -8.59 8.01 1.19
C MET A 75 -7.14 7.82 0.80
N ALA A 76 -6.54 6.77 1.35
CA ALA A 76 -5.17 6.43 1.01
C ALA A 76 -4.99 4.93 1.14
N HIS A 77 -4.12 4.39 0.29
CA HIS A 77 -3.79 2.98 0.30
C HIS A 77 -2.28 2.84 0.17
N LEU A 78 -1.69 1.98 0.99
CA LEU A 78 -0.25 1.79 1.00
C LEU A 78 0.05 0.32 1.22
N CYS A 79 0.79 -0.27 0.29
CA CYS A 79 1.10 -1.70 0.33
C CYS A 79 2.56 -1.90 -0.08
N LEU A 80 3.21 -2.87 0.57
CA LEU A 80 4.59 -3.21 0.29
C LEU A 80 4.71 -4.72 0.12
N PHE A 81 5.20 -5.14 -1.05
CA PHE A 81 5.52 -6.55 -1.30
C PHE A 81 7.03 -6.75 -1.22
N PRO A 82 7.53 -7.72 -0.46
CA PRO A 82 8.98 -7.98 -0.46
C PRO A 82 9.42 -8.67 -1.74
N MET A 83 10.73 -8.81 -1.90
CA MET A 83 11.30 -9.44 -3.08
C MET A 83 11.06 -10.95 -3.03
N LEU A 84 11.33 -11.60 -4.18
CA LEU A 84 10.82 -12.93 -4.45
C LEU A 84 11.57 -14.07 -3.78
N THR A 85 12.75 -13.83 -3.19
CA THR A 85 13.36 -14.83 -2.32
C THR A 85 13.02 -14.60 -0.85
N ASN A 86 12.30 -13.53 -0.54
CA ASN A 86 11.88 -13.23 0.82
C ASN A 86 10.51 -13.86 1.09
N GLY A 87 10.33 -14.31 2.33
CA GLY A 87 9.08 -14.92 2.73
C GLY A 87 8.35 -14.08 3.75
N GLY A 88 8.69 -12.80 3.83
CA GLY A 88 8.13 -11.93 4.85
C GLY A 88 6.69 -11.55 4.59
N PRO A 89 6.07 -10.90 5.57
CA PRO A 89 4.66 -10.50 5.42
C PRO A 89 4.49 -9.36 4.43
N ILE A 90 3.30 -8.77 4.40
CA ILE A 90 2.97 -7.66 3.51
C ILE A 90 2.47 -6.51 4.38
N TYR A 91 3.23 -5.42 4.41
CA TYR A 91 2.72 -4.18 5.00
C TYR A 91 1.51 -3.72 4.21
N GLY A 92 0.42 -3.45 4.93
CA GLY A 92 -0.78 -2.94 4.30
C GLY A 92 -1.44 -1.92 5.20
N PHE A 93 -1.69 -0.73 4.67
CA PHE A 93 -2.37 0.33 5.43
C PHE A 93 -3.44 0.94 4.53
N ASP A 94 -4.68 0.93 4.99
CA ASP A 94 -5.81 1.46 4.24
C ASP A 94 -6.65 2.30 5.18
N ILE A 95 -6.85 3.57 4.83
CA ILE A 95 -7.63 4.50 5.62
C ILE A 95 -8.59 5.23 4.69
N ILE A 96 -9.88 5.19 5.01
CA ILE A 96 -10.90 6.00 4.36
C ILE A 96 -11.60 6.81 5.44
N ALA A 97 -11.61 8.12 5.28
CA ALA A 97 -12.21 9.00 6.28
C ALA A 97 -12.92 10.15 5.60
N GLY A 98 -12.22 10.83 4.70
CA GLY A 98 -12.72 12.05 4.12
C GLY A 98 -12.57 13.22 5.05
N GLU A 99 -13.69 13.70 5.58
CA GLU A 99 -13.70 14.84 6.47
C GLU A 99 -14.59 14.54 7.66
N LYS A 100 -14.14 14.93 8.85
CA LYS A 100 -14.90 14.95 10.09
C LYS A 100 -15.02 13.55 10.72
N LYS A 101 -14.69 12.48 10.01
CA LYS A 101 -14.95 11.14 10.52
C LYS A 101 -14.09 10.12 9.78
N VAL A 102 -13.55 9.16 10.52
CA VAL A 102 -12.77 8.06 9.95
C VAL A 102 -13.68 6.84 9.91
N THR A 103 -14.14 6.50 8.70
CA THR A 103 -15.09 5.39 8.55
C THR A 103 -14.38 4.04 8.53
N GLY A 104 -13.29 3.94 7.79
CA GLY A 104 -12.58 2.68 7.65
C GLY A 104 -11.10 2.84 7.92
N ALA A 105 -10.52 1.83 8.57
CA ALA A 105 -9.10 1.82 8.88
C ALA A 105 -8.63 0.37 8.92
N PHE A 106 -7.51 0.09 8.27
CA PHE A 106 -6.95 -1.26 8.22
C PHE A 106 -5.43 -1.18 8.22
N HIS A 107 -4.79 -2.10 8.93
CA HIS A 107 -3.35 -2.15 8.97
C HIS A 107 -2.89 -3.44 9.64
N ASP A 108 -1.91 -4.10 9.04
CA ASP A 108 -1.25 -5.26 9.64
C ASP A 108 -0.12 -5.69 8.71
N PHE A 109 0.71 -6.61 9.21
CA PHE A 109 1.75 -7.26 8.41
C PHE A 109 1.21 -8.64 8.02
N SER A 110 0.43 -8.68 6.95
CA SER A 110 -0.20 -9.92 6.54
C SER A 110 0.87 -10.93 6.14
N PRO A 111 0.84 -12.17 6.69
CA PRO A 111 1.91 -13.12 6.38
C PRO A 111 1.68 -13.89 5.08
N LYS A 115 1.21 -19.00 7.53
CA LYS A 115 2.53 -19.41 8.03
C LYS A 115 3.01 -18.47 9.13
N ASP A 116 4.09 -18.86 9.80
CA ASP A 116 4.67 -18.07 10.87
C ASP A 116 5.88 -17.31 10.35
N HIS A 117 6.06 -16.09 10.86
CA HIS A 117 7.18 -15.26 10.45
C HIS A 117 7.53 -14.30 11.58
N PRO A 118 8.82 -14.10 11.89
CA PRO A 118 9.16 -13.20 13.00
C PRO A 118 8.66 -11.78 12.82
N LEU A 119 8.70 -11.23 11.61
CA LEU A 119 8.35 -9.83 11.43
C LEU A 119 6.88 -9.56 11.73
N THR A 120 6.01 -10.56 11.56
CA THR A 120 4.62 -10.40 11.96
C THR A 120 4.48 -10.36 13.48
N LYS A 121 5.00 -11.40 14.16
CA LYS A 121 4.95 -11.46 15.60
C LYS A 121 5.38 -10.14 16.22
N TRP A 122 6.49 -9.58 15.73
CA TRP A 122 6.81 -8.19 16.02
C TRP A 122 5.74 -7.31 15.40
N PHE A 123 5.13 -6.44 16.20
CA PHE A 123 3.95 -5.73 15.78
C PHE A 123 3.66 -4.51 16.66
N GLU A 159 -10.13 12.90 17.70
CA GLU A 159 -8.84 13.18 17.08
C GLU A 159 -7.70 12.68 17.95
N ASP A 160 -7.87 11.47 18.50
CA ASP A 160 -6.82 10.81 19.27
C ASP A 160 -6.52 9.45 18.67
N GLU A 161 -7.58 8.66 18.40
CA GLU A 161 -7.38 7.39 17.73
C GLU A 161 -6.76 7.59 16.35
N LEU A 162 -7.02 8.72 15.71
CA LEU A 162 -6.36 9.04 14.45
C LEU A 162 -4.91 9.45 14.68
N ASN A 163 -4.61 10.06 15.83
CA ASN A 163 -3.24 10.45 16.13
C ASN A 163 -2.35 9.22 16.31
N LYS A 164 -2.79 8.27 17.14
CA LYS A 164 -1.96 7.10 17.43
C LYS A 164 -1.83 6.20 16.20
N ILE A 165 -2.94 5.92 15.53
CA ILE A 165 -2.92 5.02 14.37
C ILE A 165 -1.93 5.51 13.33
N CYS A 166 -1.96 6.81 13.03
CA CYS A 166 -1.06 7.36 12.03
C CYS A 166 0.39 7.27 12.49
N THR A 167 0.65 7.65 13.75
CA THR A 167 2.00 7.54 14.29
C THR A 167 2.51 6.10 14.21
N MET A 168 1.65 5.14 14.57
CA MET A 168 2.04 3.73 14.45
C MET A 168 2.38 3.38 13.02
N ALA A 169 1.45 3.62 12.10
CA ALA A 169 1.65 3.27 10.69
C ALA A 169 2.94 3.87 10.17
N VAL A 170 3.22 5.13 10.52
CA VAL A 170 4.46 5.77 10.09
C VAL A 170 5.66 5.09 10.72
N SER A 171 5.55 4.75 12.01
CA SER A 171 6.66 4.10 12.70
C SER A 171 6.73 2.62 12.36
N ASN A 172 5.59 1.99 12.09
CA ASN A 172 5.59 0.59 11.67
C ASN A 172 6.16 0.45 10.26
N LEU A 173 6.05 1.49 9.44
CA LEU A 173 6.66 1.49 8.11
C LEU A 173 8.18 1.56 8.21
N ASN A 174 8.69 2.59 8.86
CA ASN A 174 10.14 2.74 9.03
C ASN A 174 10.76 1.46 9.57
N ASN A 175 10.05 0.77 10.47
CA ASN A 175 10.55 -0.48 11.02
C ASN A 175 10.36 -1.65 10.07
N TYR A 176 9.32 -1.62 9.23
CA TYR A 176 9.15 -2.67 8.24
C TYR A 176 10.26 -2.66 7.20
N ILE A 177 10.59 -1.46 6.70
CA ILE A 177 11.63 -1.32 5.68
C ILE A 177 12.98 -1.79 6.21
N ASP A 178 13.17 -1.75 7.53
CA ASP A 178 14.43 -2.16 8.12
C ASP A 178 14.49 -3.67 8.33
N LYS A 179 13.47 -4.25 8.97
CA LYS A 179 13.53 -5.66 9.35
C LYS A 179 13.32 -6.60 8.18
N ILE A 180 12.58 -6.17 7.15
CA ILE A 180 12.33 -7.05 6.01
C ILE A 180 13.65 -7.43 5.34
N ARG A 181 14.66 -6.57 5.43
CA ARG A 181 15.96 -6.87 4.84
C ARG A 181 16.53 -8.18 5.39
N ASN A 182 16.27 -8.47 6.66
CA ASN A 182 16.86 -9.62 7.34
C ASN A 182 16.31 -10.95 6.86
N HIS A 183 15.43 -10.96 5.86
CA HIS A 183 14.76 -12.19 5.42
C HIS A 183 14.98 -12.46 3.93
N GLU A 184 15.99 -11.85 3.34
CA GLU A 184 16.33 -12.11 1.95
C GLU A 184 17.00 -13.48 1.82
N GLY A 185 16.46 -14.32 0.94
CA GLY A 185 17.02 -15.63 0.67
C GLY A 185 16.43 -16.77 1.48
N GLU A 186 15.56 -16.48 2.44
CA GLU A 186 14.99 -17.51 3.31
C GLU A 186 13.86 -18.29 2.66
N ALA A 187 13.58 -18.09 1.37
CA ALA A 187 12.46 -18.75 0.73
C ALA A 187 12.80 -19.06 -0.72
N GLU A 188 12.00 -19.95 -1.30
CA GLU A 188 12.15 -20.33 -2.71
C GLU A 188 11.22 -19.47 -3.57
N MET A 189 11.71 -19.08 -4.74
CA MET A 189 11.00 -18.11 -5.57
C MET A 189 9.58 -18.57 -5.87
N ALA A 190 9.42 -19.82 -6.34
CA ALA A 190 8.10 -20.30 -6.73
C ALA A 190 7.09 -20.14 -5.61
N ASP A 191 7.47 -20.53 -4.38
CA ASP A 191 6.54 -20.44 -3.27
C ASP A 191 6.25 -19.00 -2.88
N VAL A 192 7.23 -18.11 -3.00
CA VAL A 192 7.00 -16.71 -2.67
C VAL A 192 6.03 -16.07 -3.65
N ILE A 193 6.20 -16.37 -4.94
CA ILE A 193 5.25 -15.89 -5.94
C ILE A 193 3.84 -16.36 -5.60
N LYS A 194 3.69 -17.66 -5.39
CA LYS A 194 2.39 -18.23 -5.03
C LYS A 194 1.77 -17.50 -3.84
N ALA A 195 2.56 -17.28 -2.79
CA ALA A 195 2.02 -16.69 -1.57
C ALA A 195 1.56 -15.25 -1.80
N GLN A 196 2.37 -14.46 -2.49
CA GLN A 196 2.01 -13.05 -2.70
C GLN A 196 0.82 -12.92 -3.64
N ASN A 197 0.75 -13.76 -4.67
CA ASN A 197 -0.40 -13.72 -5.59
C ASN A 197 -1.68 -14.09 -4.86
N TYR A 198 -1.66 -15.21 -4.11
CA TYR A 198 -2.83 -15.61 -3.33
C TYR A 198 -3.36 -14.45 -2.50
N TYR A 199 -2.46 -13.64 -1.95
CA TYR A 199 -2.87 -12.44 -1.23
C TYR A 199 -3.49 -11.43 -2.19
N SER A 200 -2.98 -11.35 -3.43
CA SER A 200 -3.51 -10.40 -4.39
C SER A 200 -4.86 -10.85 -4.91
N GLU A 201 -5.04 -12.16 -5.14
CA GLU A 201 -6.33 -12.69 -5.53
C GLU A 201 -7.40 -12.31 -4.51
N HIS A 202 -7.17 -12.63 -3.24
CA HIS A 202 -8.18 -12.41 -2.21
C HIS A 202 -8.44 -10.94 -1.95
N GLN A 203 -7.51 -10.04 -2.27
CA GLN A 203 -7.71 -8.62 -2.02
C GLN A 203 -8.05 -7.82 -3.27
N GLN A 204 -7.75 -8.35 -4.46
CA GLN A 204 -8.24 -7.70 -5.68
C GLN A 204 -9.75 -7.61 -5.67
N LYS A 205 -10.42 -8.70 -5.28
CA LYS A 205 -11.87 -8.76 -5.24
C LYS A 205 -12.39 -8.63 -3.82
N THR A 209 -13.35 -2.70 -2.31
CA THR A 209 -12.59 -1.65 -2.99
C THR A 209 -13.43 -0.96 -4.07
N PRO A 210 -14.07 -1.71 -4.96
CA PRO A 210 -14.92 -1.05 -5.97
C PRO A 210 -15.94 -0.09 -5.38
N ARG A 211 -16.55 -0.43 -4.25
CA ARG A 211 -17.56 0.45 -3.67
C ARG A 211 -16.95 1.75 -3.19
N VAL A 212 -15.84 1.67 -2.44
CA VAL A 212 -15.19 2.89 -1.96
C VAL A 212 -14.72 3.74 -3.13
N MET A 213 -14.12 3.10 -4.14
CA MET A 213 -13.70 3.84 -5.32
C MET A 213 -14.90 4.46 -6.03
N GLN A 214 -16.01 3.72 -6.11
CA GLN A 214 -17.26 4.31 -6.57
C GLN A 214 -17.69 5.43 -5.63
N SER A 215 -17.49 5.24 -4.33
CA SER A 215 -17.77 6.32 -3.38
C SER A 215 -16.90 7.54 -3.67
N LEU A 216 -15.60 7.31 -3.90
CA LEU A 216 -14.69 8.40 -4.21
C LEU A 216 -15.02 9.09 -5.54
N GLY A 217 -15.95 8.57 -6.31
CA GLY A 217 -16.33 9.20 -7.57
C GLY A 217 -15.39 8.92 -8.71
N LEU A 218 -14.71 7.76 -8.72
CA LEU A 218 -13.81 7.45 -9.82
C LEU A 218 -14.56 6.77 -10.95
N PRO A 219 -14.18 7.02 -12.19
CA PRO A 219 -14.86 6.36 -13.32
C PRO A 219 -14.89 4.86 -13.15
N GLU A 220 -16.02 4.25 -13.54
CA GLU A 220 -16.16 2.81 -13.45
C GLU A 220 -15.08 2.11 -14.29
N GLU A 221 -14.80 2.63 -15.49
CA GLU A 221 -13.81 1.99 -16.35
C GLU A 221 -12.42 2.03 -15.72
N ASP A 222 -12.03 3.19 -15.18
CA ASP A 222 -10.74 3.29 -14.51
C ASP A 222 -10.66 2.35 -13.32
N ILE A 223 -11.76 2.24 -12.56
CA ILE A 223 -11.79 1.35 -11.40
C ILE A 223 -11.41 -0.07 -11.81
N LYS A 224 -12.15 -0.63 -12.78
CA LYS A 224 -11.84 -2.00 -13.22
C LYS A 224 -10.44 -2.07 -13.82
N LEU A 225 -10.01 -1.02 -14.49
CA LEU A 225 -8.65 -0.97 -15.02
C LEU A 225 -7.62 -0.97 -13.89
N PHE A 226 -7.81 -0.09 -12.90
CA PHE A 226 -6.86 0.05 -11.80
C PHE A 226 -6.84 -1.20 -10.93
N CYS A 227 -8.03 -1.70 -10.54
CA CYS A 227 -8.09 -2.81 -9.60
C CYS A 227 -7.44 -4.07 -10.15
N SER A 228 -7.42 -4.24 -11.48
CA SER A 228 -6.94 -5.48 -12.07
C SER A 228 -5.48 -5.44 -12.47
N ASP A 229 -4.93 -4.26 -12.81
CA ASP A 229 -3.62 -4.17 -13.42
C ASP A 229 -2.59 -3.41 -12.59
N ASN A 230 -3.00 -2.48 -11.73
CA ASN A 230 -2.05 -1.60 -11.06
C ASN A 230 -2.32 -1.46 -9.57
N LEU A 231 -2.99 -2.44 -8.96
CA LEU A 231 -3.30 -2.41 -7.54
C LEU A 231 -2.56 -3.51 -6.79
N PHE A 232 -2.84 -4.78 -7.11
CA PHE A 232 -2.05 -5.91 -6.63
C PHE A 232 -1.66 -6.77 -7.83
N PRO A 233 -0.74 -6.28 -8.65
CA PRO A 233 -0.39 -7.02 -9.87
C PRO A 233 0.22 -8.36 -9.56
N PHE A 234 -0.02 -9.31 -10.46
CA PHE A 234 0.62 -10.61 -10.37
C PHE A 234 2.00 -10.56 -11.02
N VAL A 235 2.89 -11.44 -10.56
CA VAL A 235 4.26 -11.47 -11.03
C VAL A 235 4.44 -12.69 -11.92
N SER A 236 5.26 -12.54 -12.95
CA SER A 236 5.53 -13.64 -13.88
C SER A 236 6.09 -14.84 -13.14
#